data_3DV6
#
_entry.id   3DV6
#
_cell.length_a   71.420
_cell.length_b   71.420
_cell.length_c   85.080
_cell.angle_alpha   90.000
_cell.angle_beta   90.000
_cell.angle_gamma   90.000
#
_symmetry.space_group_name_H-M   'P 43 21 2'
#
loop_
_entity.id
_entity.type
_entity.pdbx_description
1 polymer 'antibody Fv fragment SAG506-01'
2 polymer 'Ig-like protein'
3 non-polymer 'MAGNESIUM ION'
4 non-polymer '3-deoxy-alpha-D-manno-oct-2-ulopyranosonic acid'
5 non-polymer 'TETRAETHYLENE GLYCOL'
6 water water
#
loop_
_entity_poly.entity_id
_entity_poly.type
_entity_poly.pdbx_seq_one_letter_code
_entity_poly.pdbx_strand_id
1 'polypeptide(L)'
;DIVLTQSPSSLAVSAGERVTMSCKSSQSLFKSRNQKNYLAWYQQKPGQSPKLLIYWASTRESGVPDRFTGSGSGTDFTLT
INGVQAEDLAVYYCKQSYNLRTFGGGTKLELK
;
A
2 'polypeptide(L)'
;EVKLVESGGGLVQPGGSLRLSCATSGFTFTDYYMSWVRQPPGKALEWLGFIRNKAKGYTVEYSASVKGRFTISRDNSQSI
LYLQMNTLRAEDSATYYCARDGYYVDAMDYWGQGTSVTVSS
;
B
#
loop_
_chem_comp.id
_chem_comp.type
_chem_comp.name
_chem_comp.formula
KDO D-saccharide, alpha linking '3-deoxy-alpha-D-manno-oct-2-ulopyranosonic acid' 'C8 H14 O8'
MG non-polymer 'MAGNESIUM ION' 'Mg 2'
PG4 non-polymer 'TETRAETHYLENE GLYCOL' 'C8 H18 O5'
#
# COMPACT_ATOMS: atom_id res chain seq x y z
N ASP A 1 12.95 10.07 -6.88
CA ASP A 1 11.73 9.67 -7.56
C ASP A 1 11.92 8.30 -8.23
N ILE A 2 11.72 7.24 -7.46
CA ILE A 2 11.86 5.88 -7.97
C ILE A 2 10.59 5.47 -8.69
N VAL A 3 10.71 5.11 -9.97
CA VAL A 3 9.55 4.71 -10.75
C VAL A 3 9.52 3.21 -11.01
N LEU A 4 8.44 2.58 -10.56
CA LEU A 4 8.26 1.15 -10.76
C LEU A 4 7.28 0.97 -11.90
N THR A 5 7.69 0.19 -12.91
CA THR A 5 6.82 -0.09 -14.04
C THR A 5 6.44 -1.56 -14.02
N GLN A 6 5.14 -1.82 -14.08
CA GLN A 6 4.64 -3.18 -14.01
C GLN A 6 4.12 -3.64 -15.35
N SER A 7 4.36 -4.90 -15.66
CA SER A 7 3.96 -5.50 -16.92
C SER A 7 3.55 -6.95 -16.70
N PRO A 8 2.47 -7.40 -17.36
CA PRO A 8 1.65 -6.56 -18.25
C PRO A 8 0.72 -5.65 -17.47
N SER A 9 -0.03 -4.80 -18.16
CA SER A 9 -1.01 -3.96 -17.48
C SER A 9 -2.10 -4.87 -16.93
N SER A 10 -2.41 -5.89 -17.72
CA SER A 10 -3.54 -6.76 -17.43
C SER A 10 -3.28 -8.11 -18.09
N LEU A 11 -3.79 -9.17 -17.47
CA LEU A 11 -3.78 -10.49 -18.11
C LEU A 11 -4.93 -11.38 -17.63
N ALA A 12 -5.19 -12.40 -18.41
CA ALA A 12 -6.33 -13.28 -18.17
C ALA A 12 -5.90 -14.71 -18.36
N VAL A 13 -6.24 -15.56 -17.39
CA VAL A 13 -5.90 -16.96 -17.41
C VAL A 13 -7.09 -17.75 -16.90
N SER A 14 -7.08 -19.05 -17.16
CA SER A 14 -8.06 -19.95 -16.58
C SER A 14 -7.53 -20.41 -15.23
N ALA A 15 -8.42 -20.84 -14.35
CA ALA A 15 -8.00 -21.35 -13.06
C ALA A 15 -7.05 -22.51 -13.27
N GLY A 16 -6.00 -22.58 -12.45
CA GLY A 16 -5.09 -23.71 -12.47
C GLY A 16 -3.77 -23.48 -13.17
N GLU A 17 -3.72 -22.51 -14.07
CA GLU A 17 -2.48 -22.28 -14.79
C GLU A 17 -1.55 -21.28 -14.12
N ARG A 18 -0.37 -21.15 -14.70
CA ARG A 18 0.71 -20.39 -14.09
C ARG A 18 0.79 -19.03 -14.76
N VAL A 19 0.93 -17.98 -13.96
CA VAL A 19 1.12 -16.64 -14.48
C VAL A 19 2.32 -15.99 -13.87
N THR A 20 2.94 -15.12 -14.64
CA THR A 20 4.11 -14.39 -14.20
C THR A 20 3.87 -12.94 -14.57
N MET A 21 4.40 -12.02 -13.78
CA MET A 21 4.25 -10.58 -14.02
C MET A 21 5.47 -9.82 -13.49
N SER A 22 5.78 -8.70 -14.13
CA SER A 22 7.04 -7.99 -13.89
C SER A 22 6.90 -6.66 -13.15
N CYS A 23 7.88 -6.43 -12.28
CA CYS A 23 8.03 -5.13 -11.66
C CYS A 23 9.44 -4.63 -11.95
N LYS A 24 9.55 -3.51 -12.66
CA LYS A 24 10.84 -2.94 -13.03
C LYS A 24 11.07 -1.65 -12.27
N SER A 25 12.18 -1.58 -11.55
CA SER A 25 12.49 -0.41 -10.73
C SER A 25 13.51 0.52 -11.40
N SER A 26 13.28 1.83 -11.27
CA SER A 26 14.20 2.83 -11.81
C SER A 26 15.56 2.76 -11.12
N GLN A 27 15.55 2.41 -9.84
CA GLN A 27 16.76 2.32 -9.04
C GLN A 27 16.87 1.00 -8.28
N SER A 28 18.09 0.54 -8.07
CA SER A 28 18.28 -0.68 -7.31
C SER A 28 17.60 -0.56 -5.96
N LEU A 29 16.84 -1.59 -5.59
CA LEU A 29 16.16 -1.59 -4.32
C LEU A 29 16.92 -2.52 -3.39
N PHE A 30 18.13 -2.89 -3.80
CA PHE A 30 18.97 -3.77 -2.98
C PHE A 30 19.73 -2.97 -1.93
N LYS A 31 19.58 -3.39 -0.69
CA LYS A 31 20.19 -2.70 0.43
C LYS A 31 21.43 -3.46 0.88
N SER A 32 22.59 -2.80 0.76
CA SER A 32 23.84 -3.40 1.19
C SER A 32 23.78 -3.77 2.67
N ARG A 33 23.47 -2.78 3.49
CA ARG A 33 23.40 -2.96 4.93
C ARG A 33 23.00 -4.38 5.35
N ASN A 34 21.84 -4.83 4.89
CA ASN A 34 21.28 -6.12 5.31
C ASN A 34 21.11 -7.10 4.15
N GLN A 35 21.58 -6.71 2.97
CA GLN A 35 21.47 -7.53 1.77
C GLN A 35 20.03 -7.93 1.47
N LYS A 36 19.11 -6.98 1.66
CA LYS A 36 17.69 -7.20 1.42
C LYS A 36 17.28 -6.36 0.23
N ASN A 37 16.34 -6.87 -0.56
CA ASN A 37 15.70 -6.10 -1.63
C ASN A 37 14.41 -5.48 -1.13
N TYR A 38 14.31 -4.16 -1.22
CA TYR A 38 13.23 -3.44 -0.59
C TYR A 38 12.03 -3.31 -1.51
N LEU A 39 11.44 -4.45 -1.84
CA LEU A 39 10.28 -4.51 -2.70
C LEU A 39 9.20 -5.46 -2.17
N ALA A 40 7.94 -5.05 -2.29
CA ALA A 40 6.82 -5.84 -1.78
C ALA A 40 5.69 -5.94 -2.80
N TRP A 41 4.97 -7.06 -2.74
CA TRP A 41 3.80 -7.28 -3.59
C TRP A 41 2.54 -7.25 -2.75
N TYR A 42 1.50 -6.63 -3.31
CA TYR A 42 0.19 -6.54 -2.68
C TYR A 42 -0.92 -7.05 -3.61
N GLN A 43 -1.92 -7.69 -3.02
CA GLN A 43 -3.06 -8.17 -3.77
C GLN A 43 -4.28 -7.37 -3.36
N GLN A 44 -4.96 -6.76 -4.31
CA GLN A 44 -6.20 -6.06 -4.00
C GLN A 44 -7.32 -6.69 -4.80
N LYS A 45 -8.09 -7.56 -4.14
CA LYS A 45 -9.27 -8.12 -4.75
C LYS A 45 -10.20 -6.95 -5.04
N PRO A 46 -10.98 -7.02 -6.13
CA PRO A 46 -11.86 -5.91 -6.52
C PRO A 46 -12.77 -5.42 -5.39
N GLY A 47 -12.82 -4.10 -5.21
CA GLY A 47 -13.66 -3.49 -4.18
C GLY A 47 -13.23 -3.82 -2.76
N GLN A 48 -12.03 -4.34 -2.60
CA GLN A 48 -11.53 -4.71 -1.29
C GLN A 48 -10.23 -3.96 -0.98
N SER A 49 -9.84 -3.97 0.28
CA SER A 49 -8.61 -3.32 0.68
C SER A 49 -7.41 -4.20 0.30
N PRO A 50 -6.26 -3.57 0.02
CA PRO A 50 -5.07 -4.32 -0.37
C PRO A 50 -4.59 -5.30 0.71
N LYS A 51 -3.89 -6.34 0.29
CA LYS A 51 -3.36 -7.34 1.20
C LYS A 51 -1.89 -7.61 0.87
N LEU A 52 -1.02 -7.55 1.88
CA LEU A 52 0.39 -7.83 1.65
C LEU A 52 0.59 -9.30 1.31
N LEU A 53 1.27 -9.54 0.19
CA LEU A 53 1.59 -10.89 -0.28
C LEU A 53 3.01 -11.30 0.05
N ILE A 54 3.96 -10.48 -0.37
CA ILE A 54 5.36 -10.80 -0.26
C ILE A 54 6.15 -9.55 0.11
N TYR A 55 7.12 -9.69 1.01
CA TYR A 55 8.04 -8.61 1.34
C TYR A 55 9.48 -9.04 1.14
N TRP A 56 10.42 -8.09 1.22
CA TRP A 56 11.83 -8.36 0.93
C TRP A 56 11.99 -9.18 -0.34
N ALA A 57 11.19 -8.84 -1.35
CA ALA A 57 11.25 -9.44 -2.68
C ALA A 57 10.73 -10.88 -2.79
N SER A 58 11.10 -11.73 -1.84
CA SER A 58 10.80 -13.14 -2.00
C SER A 58 10.11 -13.78 -0.78
N THR A 59 10.07 -13.07 0.33
CA THR A 59 9.49 -13.59 1.56
C THR A 59 7.96 -13.51 1.54
N ARG A 60 7.32 -14.67 1.53
CA ARG A 60 5.87 -14.72 1.61
C ARG A 60 5.42 -14.25 2.97
N GLU A 61 4.34 -13.49 3.01
CA GLU A 61 3.75 -13.06 4.28
C GLU A 61 2.99 -14.22 4.93
N SER A 62 2.94 -14.22 6.25
CA SER A 62 2.18 -15.24 7.01
C SER A 62 0.79 -15.42 6.42
N GLY A 63 0.40 -16.68 6.24
CA GLY A 63 -0.92 -17.02 5.76
C GLY A 63 -1.05 -17.08 4.26
N VAL A 64 -0.08 -16.52 3.53
CA VAL A 64 -0.15 -16.49 2.08
C VAL A 64 0.23 -17.85 1.49
N PRO A 65 -0.61 -18.37 0.57
CA PRO A 65 -0.40 -19.68 -0.05
C PRO A 65 0.95 -19.78 -0.77
N ASP A 66 1.53 -20.97 -0.79
CA ASP A 66 2.84 -21.17 -1.40
C ASP A 66 2.82 -20.98 -2.91
N ARG A 67 1.63 -20.89 -3.49
CA ARG A 67 1.52 -20.73 -4.94
C ARG A 67 2.02 -19.35 -5.40
N PHE A 68 2.14 -18.43 -4.45
CA PHE A 68 2.73 -17.12 -4.74
C PHE A 68 4.23 -17.18 -4.46
N THR A 69 5.03 -16.83 -5.45
CA THR A 69 6.48 -16.75 -5.27
C THR A 69 6.98 -15.43 -5.79
N GLY A 70 7.68 -14.69 -4.92
CA GLY A 70 8.34 -13.49 -5.34
C GLY A 70 9.78 -13.86 -5.66
N SER A 71 10.34 -13.24 -6.68
CA SER A 71 11.73 -13.47 -7.03
C SER A 71 12.29 -12.24 -7.70
N GLY A 72 13.61 -12.17 -7.80
CA GLY A 72 14.28 -11.02 -8.37
C GLY A 72 15.14 -10.26 -7.38
N SER A 73 15.78 -9.20 -7.87
CA SER A 73 16.68 -8.41 -7.05
C SER A 73 17.12 -7.18 -7.82
N GLY A 74 17.71 -6.22 -7.13
CA GLY A 74 18.19 -5.01 -7.78
C GLY A 74 17.10 -4.13 -8.36
N THR A 75 16.90 -4.19 -9.67
CA THR A 75 15.89 -3.37 -10.34
C THR A 75 14.86 -4.24 -11.06
N ASP A 76 15.05 -5.55 -11.02
CA ASP A 76 14.17 -6.46 -11.74
C ASP A 76 13.52 -7.49 -10.83
N PHE A 77 12.20 -7.38 -10.70
CA PHE A 77 11.44 -8.22 -9.77
C PHE A 77 10.27 -8.88 -10.47
N THR A 78 9.80 -9.99 -9.91
CA THR A 78 8.72 -10.75 -10.53
C THR A 78 7.82 -11.42 -9.50
N LEU A 79 6.54 -11.53 -9.84
CA LEU A 79 5.60 -12.30 -9.04
C LEU A 79 5.02 -13.42 -9.88
N THR A 80 5.16 -14.65 -9.38
CA THR A 80 4.65 -15.82 -10.04
C THR A 80 3.53 -16.45 -9.23
N ILE A 81 2.46 -16.83 -9.91
CA ILE A 81 1.39 -17.57 -9.25
C ILE A 81 1.29 -18.95 -9.87
N ASN A 82 1.83 -19.95 -9.19
CA ASN A 82 1.78 -21.32 -9.70
C ASN A 82 0.48 -21.99 -9.34
N GLY A 83 -0.46 -21.99 -10.28
CA GLY A 83 -1.76 -22.61 -10.08
C GLY A 83 -2.81 -21.62 -9.63
N VAL A 84 -3.16 -20.68 -10.50
CA VAL A 84 -4.10 -19.62 -10.12
C VAL A 84 -5.43 -20.17 -9.61
N GLN A 85 -5.87 -19.64 -8.48
CA GLN A 85 -7.19 -20.00 -7.94
C GLN A 85 -8.12 -18.83 -8.18
N ALA A 86 -9.43 -19.08 -8.11
CA ALA A 86 -10.42 -18.04 -8.33
C ALA A 86 -10.20 -16.89 -7.35
N GLU A 87 -9.81 -17.24 -6.12
CA GLU A 87 -9.50 -16.26 -5.08
C GLU A 87 -8.46 -15.23 -5.49
N ASP A 88 -7.61 -15.59 -6.45
CA ASP A 88 -6.48 -14.76 -6.84
C ASP A 88 -6.85 -13.58 -7.76
N LEU A 89 -8.10 -13.53 -8.19
CA LEU A 89 -8.55 -12.42 -9.03
C LEU A 89 -8.36 -11.08 -8.32
N ALA A 90 -7.55 -10.20 -8.90
CA ALA A 90 -7.15 -8.95 -8.22
C ALA A 90 -6.19 -8.12 -9.06
N VAL A 91 -5.93 -6.89 -8.63
CA VAL A 91 -4.78 -6.15 -9.14
C VAL A 91 -3.61 -6.36 -8.19
N TYR A 92 -2.44 -6.64 -8.74
CA TYR A 92 -1.24 -6.86 -7.94
C TYR A 92 -0.25 -5.71 -8.07
N TYR A 93 -0.01 -5.03 -6.96
CA TYR A 93 0.92 -3.90 -6.95
C TYR A 93 2.27 -4.32 -6.38
N CYS A 94 3.33 -3.87 -7.02
CA CYS A 94 4.64 -3.96 -6.40
C CYS A 94 4.85 -2.60 -5.80
N LYS A 95 5.65 -2.56 -4.74
CA LYS A 95 5.92 -1.33 -4.03
C LYS A 95 7.34 -1.31 -3.52
N GLN A 96 8.07 -0.25 -3.84
CA GLN A 96 9.41 -0.06 -3.30
C GLN A 96 9.32 0.57 -1.92
N SER A 97 10.13 0.09 -1.00
CA SER A 97 10.23 0.69 0.33
C SER A 97 11.69 1.00 0.62
N TYR A 98 12.46 1.12 -0.45
CA TYR A 98 13.86 1.50 -0.34
C TYR A 98 13.96 2.93 0.17
N ASN A 99 13.11 3.80 -0.37
CA ASN A 99 13.10 5.21 0.03
C ASN A 99 11.66 5.67 0.10
N LEU A 100 11.17 5.92 1.31
CA LEU A 100 9.74 6.12 1.54
C LEU A 100 8.98 4.94 0.93
N ARG A 101 7.89 5.18 0.24
CA ARG A 101 7.20 4.10 -0.49
C ARG A 101 6.64 4.57 -1.82
N THR A 102 6.72 3.71 -2.83
CA THR A 102 6.11 3.98 -4.13
C THR A 102 5.49 2.70 -4.68
N PHE A 103 4.22 2.78 -5.08
CA PHE A 103 3.54 1.65 -5.73
C PHE A 103 3.74 1.71 -7.24
N GLY A 104 3.84 0.54 -7.86
CA GLY A 104 3.77 0.43 -9.31
C GLY A 104 2.34 0.72 -9.74
N GLY A 105 2.10 0.66 -11.05
CA GLY A 105 0.79 0.96 -11.62
C GLY A 105 -0.25 -0.15 -11.47
N GLY A 106 0.22 -1.35 -11.17
CA GLY A 106 -0.69 -2.48 -10.97
C GLY A 106 -0.73 -3.41 -12.16
N THR A 107 -0.85 -4.70 -11.87
CA THR A 107 -1.13 -5.68 -12.90
C THR A 107 -2.46 -6.30 -12.54
N LYS A 108 -3.44 -6.13 -13.42
CA LYS A 108 -4.77 -6.71 -13.19
C LYS A 108 -4.84 -8.16 -13.68
N LEU A 109 -5.19 -9.06 -12.77
CA LEU A 109 -5.33 -10.47 -13.08
C LEU A 109 -6.81 -10.87 -13.14
N GLU A 110 -7.27 -11.28 -14.32
CA GLU A 110 -8.60 -11.84 -14.48
C GLU A 110 -8.49 -13.35 -14.64
N LEU A 111 -9.56 -14.05 -14.26
CA LEU A 111 -9.65 -15.48 -14.50
C LEU A 111 -10.98 -15.70 -15.19
N LYS A 112 -10.98 -16.59 -16.17
CA LYS A 112 -12.23 -17.02 -16.81
C LYS A 112 -12.35 -18.53 -16.75
N GLU B 1 -6.82 -10.27 17.24
CA GLU B 1 -7.21 -9.82 15.90
C GLU B 1 -6.74 -8.39 15.66
N VAL B 2 -5.81 -8.23 14.72
CA VAL B 2 -5.40 -6.89 14.30
C VAL B 2 -6.54 -6.23 13.54
N LYS B 3 -6.91 -5.02 13.90
CA LYS B 3 -7.97 -4.28 13.22
C LYS B 3 -7.60 -2.82 12.96
N LEU B 4 -7.94 -2.35 11.79
CA LEU B 4 -7.78 -0.94 11.41
C LEU B 4 -9.11 -0.46 10.84
N VAL B 5 -9.61 0.68 11.32
CA VAL B 5 -10.89 1.22 10.85
C VAL B 5 -10.81 2.69 10.44
N GLU B 6 -10.96 2.95 9.16
CA GLU B 6 -10.95 4.32 8.67
C GLU B 6 -12.31 4.99 8.86
N SER B 7 -12.30 6.30 9.07
CA SER B 7 -13.53 7.09 9.07
C SER B 7 -13.28 8.57 8.78
N GLY B 8 -14.35 9.32 8.58
CA GLY B 8 -14.20 10.73 8.27
C GLY B 8 -14.50 10.99 6.81
N GLY B 9 -14.71 9.93 6.06
CA GLY B 9 -15.04 10.04 4.66
C GLY B 9 -16.38 10.70 4.41
N GLY B 10 -16.55 11.27 3.22
CA GLY B 10 -17.81 11.86 2.86
C GLY B 10 -17.69 12.84 1.72
N LEU B 11 -18.62 13.79 1.69
CA LEU B 11 -18.66 14.82 0.67
C LEU B 11 -17.89 16.04 1.16
N VAL B 12 -16.90 16.46 0.38
CA VAL B 12 -16.18 17.69 0.65
C VAL B 12 -16.25 18.62 -0.56
N GLN B 13 -16.38 19.91 -0.32
CA GLN B 13 -16.42 20.87 -1.41
C GLN B 13 -15.00 21.31 -1.82
N PRO B 14 -14.79 21.54 -3.12
CA PRO B 14 -13.46 21.88 -3.66
C PRO B 14 -12.82 23.08 -2.94
N GLY B 15 -11.59 22.89 -2.49
CA GLY B 15 -10.87 23.91 -1.75
C GLY B 15 -10.85 23.63 -0.26
N GLY B 16 -11.76 22.77 0.19
CA GLY B 16 -12.00 22.56 1.61
C GLY B 16 -11.01 21.65 2.32
N SER B 17 -11.38 21.22 3.52
CA SER B 17 -10.54 20.35 4.33
C SER B 17 -11.33 19.18 4.88
N LEU B 18 -10.63 18.10 5.20
CA LEU B 18 -11.23 16.93 5.82
C LEU B 18 -10.19 16.23 6.67
N ARG B 19 -10.57 15.87 7.88
CA ARG B 19 -9.70 15.08 8.75
C ARG B 19 -10.20 13.64 8.76
N LEU B 20 -9.32 12.71 8.36
CA LEU B 20 -9.64 11.29 8.38
C LEU B 20 -9.11 10.65 9.66
N SER B 21 -9.82 9.64 10.16
CA SER B 21 -9.40 8.89 11.33
C SER B 21 -9.12 7.42 11.02
N CYS B 22 -8.23 6.83 11.81
CA CYS B 22 -7.93 5.41 11.67
C CYS B 22 -7.74 4.80 13.04
N ALA B 23 -8.80 4.18 13.55
CA ALA B 23 -8.78 3.53 14.86
C ALA B 23 -8.21 2.11 14.79
N THR B 24 -7.34 1.76 15.75
CA THR B 24 -6.66 0.47 15.71
C THR B 24 -6.78 -0.34 17.00
N SER B 25 -6.46 -1.63 16.90
CA SER B 25 -6.42 -2.52 18.06
C SER B 25 -5.85 -3.88 17.64
N GLY B 26 -5.54 -4.73 18.62
CA GLY B 26 -5.02 -6.05 18.32
C GLY B 26 -3.51 -6.15 18.22
N PHE B 27 -2.82 -5.02 18.34
CA PHE B 27 -1.35 -5.00 18.31
C PHE B 27 -0.83 -3.77 19.05
N THR B 28 0.45 -3.78 19.42
CA THR B 28 1.05 -2.65 20.09
C THR B 28 1.23 -1.49 19.13
N PHE B 29 0.32 -0.52 19.22
CA PHE B 29 0.28 0.58 18.26
C PHE B 29 1.64 1.26 18.08
N THR B 30 2.24 1.67 19.19
CA THR B 30 3.47 2.48 19.17
C THR B 30 4.69 1.78 18.56
N ASP B 31 4.65 0.47 18.41
CA ASP B 31 5.79 -0.25 17.83
C ASP B 31 5.82 -0.10 16.31
N TYR B 32 4.76 0.42 15.71
CA TYR B 32 4.66 0.46 14.25
C TYR B 32 4.53 1.86 13.66
N TYR B 33 5.01 2.03 12.43
CA TYR B 33 4.61 3.18 11.62
C TYR B 33 3.15 2.98 11.24
N MET B 34 2.51 4.05 10.80
CA MET B 34 1.21 3.97 10.13
C MET B 34 1.30 4.79 8.86
N SER B 35 0.80 4.21 7.78
CA SER B 35 0.83 4.88 6.48
C SER B 35 -0.59 5.22 6.07
N TRP B 36 -0.73 6.26 5.25
CA TRP B 36 -1.97 6.53 4.55
C TRP B 36 -1.73 6.27 3.10
N VAL B 37 -2.64 5.51 2.50
CA VAL B 37 -2.60 5.23 1.07
C VAL B 37 -3.97 5.58 0.52
N ARG B 38 -3.99 6.09 -0.70
CA ARG B 38 -5.27 6.38 -1.34
C ARG B 38 -5.34 5.74 -2.71
N GLN B 39 -6.55 5.72 -3.26
CA GLN B 39 -6.77 5.14 -4.58
C GLN B 39 -8.00 5.80 -5.20
N PRO B 40 -7.77 6.71 -6.16
CA PRO B 40 -8.93 7.26 -6.87
C PRO B 40 -9.65 6.14 -7.63
N PRO B 41 -10.95 6.27 -7.83
CA PRO B 41 -11.67 5.20 -8.53
C PRO B 41 -10.99 4.82 -9.85
N GLY B 42 -10.74 3.53 -10.05
CA GLY B 42 -10.18 3.05 -11.29
C GLY B 42 -8.67 3.18 -11.44
N LYS B 43 -8.02 3.80 -10.45
CA LYS B 43 -6.59 4.06 -10.55
C LYS B 43 -5.73 3.34 -9.51
N ALA B 44 -4.42 3.53 -9.63
CA ALA B 44 -3.46 2.82 -8.81
C ALA B 44 -3.48 3.30 -7.37
N LEU B 45 -2.96 2.46 -6.47
CA LEU B 45 -2.73 2.87 -5.10
C LEU B 45 -1.62 3.91 -5.07
N GLU B 46 -1.78 4.91 -4.22
CA GLU B 46 -0.77 5.95 -4.07
C GLU B 46 -0.46 6.18 -2.60
N TRP B 47 0.77 5.88 -2.20
CA TRP B 47 1.23 6.13 -0.84
C TRP B 47 1.28 7.63 -0.59
N LEU B 48 0.64 8.09 0.48
CA LEU B 48 0.60 9.52 0.80
C LEU B 48 1.66 9.94 1.81
N GLY B 49 1.86 9.11 2.83
CA GLY B 49 2.86 9.37 3.86
C GLY B 49 2.78 8.40 5.02
N PHE B 50 3.68 8.54 5.97
CA PHE B 50 3.57 7.76 7.18
C PHE B 50 4.04 8.51 8.41
N ILE B 51 3.64 8.02 9.57
CA ILE B 51 4.20 8.51 10.82
C ILE B 51 4.94 7.34 11.45
N ARG B 52 6.17 7.58 11.89
CA ARG B 52 7.02 6.51 12.40
C ARG B 52 6.61 6.00 13.78
N ASN B 53 7.34 5.00 14.27
CA ASN B 53 7.03 4.41 15.56
C ASN B 53 7.74 5.11 16.72
N LYS B 54 7.50 4.61 17.92
CA LYS B 54 8.12 5.15 19.12
C LYS B 54 9.64 5.20 18.99
N ALA B 55 10.26 4.11 18.53
CA ALA B 55 11.72 4.05 18.43
C ALA B 55 12.27 5.18 17.58
N LYS B 56 11.47 5.63 16.61
CA LYS B 56 11.89 6.69 15.69
C LYS B 56 11.34 8.07 16.10
N GLY B 57 10.65 8.16 17.22
CA GLY B 57 10.14 9.42 17.71
C GLY B 57 8.91 9.96 16.99
N TYR B 58 8.20 9.08 16.28
CA TYR B 58 6.95 9.45 15.64
C TYR B 58 7.15 10.61 14.65
N THR B 59 8.26 10.60 13.94
CA THR B 59 8.46 11.59 12.91
C THR B 59 7.61 11.24 11.69
N VAL B 60 7.50 12.18 10.75
CA VAL B 60 6.67 11.96 9.57
C VAL B 60 7.41 12.17 8.24
N GLU B 61 6.85 11.58 7.18
CA GLU B 61 7.31 11.79 5.83
C GLU B 61 6.07 11.89 4.93
N TYR B 62 6.25 12.41 3.73
CA TYR B 62 5.14 12.58 2.79
C TYR B 62 5.58 12.41 1.35
N SER B 63 4.68 11.93 0.51
CA SER B 63 4.93 11.85 -0.92
C SER B 63 4.98 13.27 -1.44
N ALA B 64 5.74 13.50 -2.51
CA ALA B 64 5.89 14.85 -3.02
C ALA B 64 4.55 15.40 -3.45
N SER B 65 3.62 14.50 -3.78
CA SER B 65 2.32 14.89 -4.31
C SER B 65 1.37 15.53 -3.28
N VAL B 66 1.67 15.35 -2.00
CA VAL B 66 0.83 15.92 -0.94
C VAL B 66 1.64 16.60 0.17
N LYS B 67 2.96 16.56 0.04
CA LYS B 67 3.85 17.25 0.99
C LYS B 67 3.49 18.74 1.05
N GLY B 68 3.14 19.22 2.23
CA GLY B 68 2.67 20.59 2.40
C GLY B 68 1.17 20.66 2.57
N ARG B 69 0.45 19.99 1.66
CA ARG B 69 -1.00 19.96 1.68
C ARG B 69 -1.60 19.04 2.74
N PHE B 70 -1.05 17.84 2.85
CA PHE B 70 -1.58 16.82 3.75
C PHE B 70 -0.73 16.73 5.02
N THR B 71 -1.38 16.42 6.14
CA THR B 71 -0.70 16.28 7.43
C THR B 71 -1.10 15.00 8.16
N ILE B 72 -0.10 14.29 8.69
CA ILE B 72 -0.34 13.05 9.42
C ILE B 72 0.04 13.21 10.88
N SER B 73 -0.84 12.76 11.76
CA SER B 73 -0.58 12.78 13.19
C SER B 73 -1.17 11.52 13.83
N ARG B 74 -0.71 11.18 15.03
CA ARG B 74 -1.20 9.97 15.69
C ARG B 74 -1.49 10.22 17.16
N ASP B 75 -2.50 9.53 17.67
CA ASP B 75 -2.89 9.63 19.08
C ASP B 75 -2.54 8.34 19.81
N ASN B 76 -1.41 8.31 20.50
CA ASN B 76 -0.92 7.06 21.10
C ASN B 76 -1.70 6.61 22.32
N SER B 77 -2.41 7.54 22.94
CA SER B 77 -3.23 7.22 24.11
C SER B 77 -4.45 6.37 23.72
N GLN B 78 -4.95 6.58 22.51
CA GLN B 78 -6.16 5.90 22.06
C GLN B 78 -5.89 5.02 20.85
N SER B 79 -4.64 5.00 20.39
CA SER B 79 -4.25 4.18 19.25
C SER B 79 -5.00 4.56 17.98
N ILE B 80 -5.12 5.86 17.73
CA ILE B 80 -5.77 6.33 16.51
C ILE B 80 -4.79 7.10 15.63
N LEU B 81 -4.93 6.90 14.32
CA LEU B 81 -4.14 7.60 13.31
C LEU B 81 -5.03 8.64 12.63
N TYR B 82 -4.43 9.75 12.21
CA TYR B 82 -5.20 10.82 11.56
C TYR B 82 -4.56 11.30 10.26
N LEU B 83 -5.38 11.84 9.37
CA LEU B 83 -4.87 12.52 8.17
C LEU B 83 -5.65 13.82 7.96
N GLN B 84 -4.94 14.94 7.97
CA GLN B 84 -5.53 16.24 7.69
C GLN B 84 -5.24 16.61 6.25
N MET B 85 -6.29 16.63 5.42
CA MET B 85 -6.13 16.98 4.01
C MET B 85 -6.66 18.40 3.80
N ASN B 86 -5.87 19.22 3.15
CA ASN B 86 -6.25 20.61 2.91
C ASN B 86 -6.29 20.95 1.43
N THR B 87 -6.94 22.06 1.10
CA THR B 87 -7.06 22.49 -0.29
C THR B 87 -7.50 21.32 -1.17
N LEU B 88 -8.61 20.69 -0.80
CA LEU B 88 -9.08 19.52 -1.54
C LEU B 88 -9.36 19.81 -3.02
N ARG B 89 -8.99 18.86 -3.86
CA ARG B 89 -9.18 18.94 -5.30
C ARG B 89 -9.91 17.70 -5.79
N ALA B 90 -10.47 17.78 -6.98
CA ALA B 90 -11.17 16.63 -7.56
C ALA B 90 -10.25 15.41 -7.63
N GLU B 91 -8.97 15.64 -7.86
CA GLU B 91 -8.02 14.53 -8.02
C GLU B 91 -7.69 13.89 -6.67
N ASP B 92 -8.20 14.48 -5.59
CA ASP B 92 -8.07 13.91 -4.23
C ASP B 92 -9.25 13.01 -3.92
N SER B 93 -10.29 13.09 -4.76
CA SER B 93 -11.42 12.16 -4.64
C SER B 93 -10.89 10.75 -4.77
N ALA B 94 -11.09 9.96 -3.72
CA ALA B 94 -10.49 8.63 -3.67
C ALA B 94 -10.92 7.84 -2.43
N THR B 95 -10.55 6.55 -2.43
CA THR B 95 -10.63 5.72 -1.23
C THR B 95 -9.34 5.94 -0.44
N TYR B 96 -9.47 6.12 0.87
CA TYR B 96 -8.30 6.38 1.71
C TYR B 96 -8.13 5.27 2.73
N TYR B 97 -6.98 4.59 2.67
CA TYR B 97 -6.69 3.50 3.59
C TYR B 97 -5.59 3.88 4.57
N CYS B 98 -5.73 3.44 5.81
CA CYS B 98 -4.63 3.47 6.76
C CYS B 98 -4.04 2.06 6.80
N ALA B 99 -2.73 1.97 6.93
CA ALA B 99 -2.10 0.65 6.92
C ALA B 99 -0.95 0.63 7.90
N ARG B 100 -0.83 -0.48 8.63
CA ARG B 100 0.29 -0.67 9.53
C ARG B 100 1.55 -0.81 8.69
N ASP B 101 2.62 -0.15 9.12
CA ASP B 101 3.86 -0.13 8.36
C ASP B 101 5.03 -0.21 9.34
N GLY B 102 6.24 -0.19 8.79
CA GLY B 102 7.43 -0.18 9.62
C GLY B 102 8.65 -0.79 8.94
N TYR B 103 9.75 -0.88 9.67
CA TYR B 103 10.99 -1.42 9.12
C TYR B 103 11.16 -2.87 9.53
N TYR B 104 10.09 -3.50 10.01
CA TYR B 104 10.17 -4.90 10.36
C TYR B 104 10.12 -5.71 9.07
N VAL B 105 9.11 -5.43 8.24
CA VAL B 105 8.97 -6.06 6.94
C VAL B 105 9.14 -5.04 5.82
N ASP B 106 9.31 -3.78 6.19
CA ASP B 106 9.43 -2.69 5.23
C ASP B 106 8.26 -2.72 4.26
N ALA B 107 7.08 -2.98 4.80
CA ALA B 107 5.86 -3.04 4.01
C ALA B 107 4.64 -2.81 4.88
N MET B 108 3.51 -2.64 4.24
CA MET B 108 2.24 -2.42 4.93
C MET B 108 1.50 -3.75 5.13
N ASP B 109 1.57 -4.30 6.34
CA ASP B 109 1.15 -5.68 6.54
C ASP B 109 -0.29 -5.86 7.00
N TYR B 110 -0.95 -4.77 7.38
CA TYR B 110 -2.36 -4.80 7.70
C TYR B 110 -3.03 -3.53 7.20
N TRP B 111 -4.25 -3.68 6.68
CA TRP B 111 -4.93 -2.58 6.02
C TRP B 111 -6.32 -2.42 6.59
N GLY B 112 -6.80 -1.18 6.58
CA GLY B 112 -8.16 -0.92 6.98
C GLY B 112 -9.07 -1.25 5.83
N GLN B 113 -10.36 -1.01 6.05
CA GLN B 113 -11.41 -1.14 5.04
C GLN B 113 -11.39 0.04 4.07
N GLY B 114 -11.02 1.21 4.58
CA GLY B 114 -11.00 2.43 3.80
C GLY B 114 -12.21 3.31 4.06
N THR B 115 -12.08 4.59 3.73
CA THR B 115 -13.22 5.49 3.62
C THR B 115 -13.08 6.29 2.35
N SER B 116 -14.19 6.54 1.68
CA SER B 116 -14.13 7.27 0.42
C SER B 116 -14.34 8.76 0.64
N VAL B 117 -13.57 9.54 -0.09
CA VAL B 117 -13.70 10.99 -0.06
C VAL B 117 -14.08 11.44 -1.45
N THR B 118 -15.20 12.15 -1.54
CA THR B 118 -15.66 12.69 -2.81
C THR B 118 -15.65 14.22 -2.78
N VAL B 119 -14.80 14.82 -3.62
CA VAL B 119 -14.68 16.28 -3.67
C VAL B 119 -15.61 16.86 -4.70
N SER B 120 -16.79 17.31 -4.27
CA SER B 120 -17.84 17.74 -5.21
C SER B 120 -18.35 19.15 -4.99
N SER B 121 -18.28 19.95 -6.04
CA SER B 121 -18.71 21.35 -6.04
C SER B 121 -19.83 21.61 -5.03
MG MG C . -10.90 -23.06 -4.12
MG MG D . 5.59 -11.35 11.20
C1 KDO E . 15.09 2.56 4.24
O1A KDO E . 15.90 3.43 4.64
O1B KDO E . 15.37 1.82 3.27
C2 KDO E . 13.71 2.50 4.89
O2 KDO E . 12.66 2.40 3.92
C3 KDO E . 13.60 1.30 5.80
C4 KDO E . 12.28 1.33 6.57
O4 KDO E . 11.17 0.98 5.71
C5 KDO E . 12.09 2.68 7.27
O5 KDO E . 13.10 2.83 8.29
C6 KDO E . 12.37 3.88 6.39
O6 KDO E . 13.60 3.69 5.68
C7 KDO E . 12.67 5.07 7.29
O7 KDO E . 11.84 5.13 8.46
C8 KDO E . 12.51 6.32 6.47
O8 KDO E . 11.13 6.66 6.48
O1 PG4 F . 15.49 5.89 9.08
C1 PG4 F . 16.44 4.82 9.02
C2 PG4 F . 15.70 3.49 9.04
O2 PG4 F . 16.53 2.45 9.54
C3 PG4 F . 15.83 1.61 10.45
C4 PG4 F . 16.57 1.54 11.78
O3 PG4 F . 15.68 1.89 12.84
C5 PG4 F . 16.24 1.75 14.14
C6 PG4 F . 15.76 2.87 15.04
O4 PG4 F . 16.68 3.97 14.99
C7 PG4 F . 16.15 5.18 15.49
C8 PG4 F . 17.08 6.33 15.13
O5 PG4 F . 16.89 6.74 13.77
#